data_2ZYW
#
_entry.id   2ZYW
#
_cell.length_a   155.313
_cell.length_b   67.838
_cell.length_c   42.867
_cell.angle_alpha   90.00
_cell.angle_beta   105.25
_cell.angle_gamma   90.00
#
_symmetry.space_group_name_H-M   'C 1 2 1'
#
loop_
_entity.id
_entity.type
_entity.pdbx_description
1 polymer 'Tyrosine-ester sulfotransferase'
2 non-polymer "ADENOSINE-3'-5'-DIPHOSPHATE"
3 non-polymer P-NITROPHENOL
4 non-polymer GLYCEROL
5 water water
#
_entity_poly.entity_id   1
_entity_poly.type   'polypeptide(L)'
_entity_poly.pdbx_seq_one_letter_code
;MDNKLDVFRRELVDVEGIPLFWSIAEHWSQVESFEARPDDILISTYPKSGTTWVSEILDLIYNNGDAEKCKRDAIYKRVP
FMELIIPGITNGVEMLNNMPSPRIVKTHLPVQLLPSSFWKNDCKIIYVARNAKDVVVSYYYFYQMAKIHPEPGTWEEFLE
KFMAGQVSFGPWYDHVKSWWEKRKEYRILYLFYEDMKENPKCEIQKILKFLEKDIPEEILNKILYHSSFSVMKENPSANY
TTMMKEEMDHSVSPFMRKGISGDWKNQFTVAQYEKFEEDYVKKMEDSTLKFRSEI
;
_entity_poly.pdbx_strand_id   X
#
loop_
_chem_comp.id
_chem_comp.type
_chem_comp.name
_chem_comp.formula
A3P RNA linking ADENOSINE-3'-5'-DIPHOSPHATE 'C10 H15 N5 O10 P2'
GOL non-polymer GLYCEROL 'C3 H8 O3'
NPO non-polymer P-NITROPHENOL 'C6 H5 N O3'
#
# COMPACT_ATOMS: atom_id res chain seq x y z
N ASP A 6 25.51 1.44 -7.28
CA ASP A 6 24.61 1.64 -6.11
C ASP A 6 23.15 1.80 -6.55
N VAL A 7 22.35 0.76 -6.32
CA VAL A 7 20.92 0.77 -6.68
C VAL A 7 20.08 1.68 -5.77
N PHE A 8 20.67 2.14 -4.67
CA PHE A 8 19.94 2.91 -3.65
C PHE A 8 20.09 4.42 -3.79
N ARG A 9 19.11 5.14 -3.24
CA ARG A 9 19.11 6.61 -3.13
C ARG A 9 19.15 7.40 -4.45
N ARG A 10 18.78 6.75 -5.54
CA ARG A 10 18.76 7.42 -6.85
C ARG A 10 17.57 8.36 -7.01
N GLU A 11 17.68 9.28 -7.97
CA GLU A 11 16.56 10.11 -8.36
C GLU A 11 15.48 9.26 -9.02
N LEU A 12 14.23 9.65 -8.83
CA LEU A 12 13.10 9.00 -9.50
C LEU A 12 13.09 9.31 -11.00
N VAL A 13 12.40 8.47 -11.75
CA VAL A 13 12.35 8.55 -13.21
C VAL A 13 10.88 8.60 -13.62
N ASP A 14 10.52 9.57 -14.48
CA ASP A 14 9.14 9.68 -14.97
C ASP A 14 8.74 8.46 -15.78
N VAL A 15 7.59 7.89 -15.44
CA VAL A 15 6.98 6.83 -16.23
C VAL A 15 5.54 7.26 -16.51
N GLU A 16 5.25 7.57 -17.77
CA GLU A 16 3.93 8.04 -18.16
C GLU A 16 3.35 9.09 -17.21
N GLY A 17 4.19 10.06 -16.82
CA GLY A 17 3.77 11.19 -16.00
C GLY A 17 3.98 11.06 -14.50
N ILE A 18 4.43 9.88 -14.07
CA ILE A 18 4.52 9.54 -12.64
C ILE A 18 5.96 9.21 -12.23
N PRO A 19 6.46 9.83 -11.13
CA PRO A 19 7.82 9.52 -10.67
C PRO A 19 7.87 8.12 -10.08
N LEU A 20 8.67 7.24 -10.68
CA LEU A 20 8.86 5.88 -10.16
C LEU A 20 10.35 5.57 -9.98
N PHE A 21 10.64 4.51 -9.21
CA PHE A 21 12.03 4.06 -9.02
C PHE A 21 12.68 3.79 -10.38
N TRP A 22 13.96 4.15 -10.49
CA TRP A 22 14.70 4.04 -11.74
C TRP A 22 14.60 2.65 -12.37
N SER A 23 14.58 1.61 -11.54
CA SER A 23 14.62 0.24 -12.03
C SER A 23 13.25 -0.25 -12.52
N ILE A 24 12.18 0.32 -11.95
CA ILE A 24 10.83 0.08 -12.46
C ILE A 24 10.70 0.69 -13.86
N ALA A 25 11.12 1.94 -14.02
CA ALA A 25 11.13 2.62 -15.32
C ALA A 25 11.89 1.82 -16.38
N GLU A 26 13.06 1.32 -15.97
CA GLU A 26 13.93 0.58 -16.87
C GLU A 26 13.30 -0.73 -17.37
N HIS A 27 12.42 -1.31 -16.55
CA HIS A 27 11.75 -2.56 -16.90
C HIS A 27 10.25 -2.38 -17.11
N TRP A 28 9.85 -1.19 -17.52
CA TRP A 28 8.43 -0.85 -17.60
C TRP A 28 7.60 -1.71 -18.56
N SER A 29 8.17 -2.08 -19.71
CA SER A 29 7.43 -2.93 -20.67
C SER A 29 7.04 -4.27 -20.06
N GLN A 30 7.86 -4.76 -19.14
CA GLN A 30 7.60 -6.00 -18.42
C GLN A 30 6.40 -5.85 -17.49
N VAL A 31 6.26 -4.66 -16.92
CA VAL A 31 5.14 -4.35 -16.03
C VAL A 31 3.86 -4.15 -16.87
N GLU A 32 3.96 -3.31 -17.90
CA GLU A 32 2.85 -3.03 -18.83
C GLU A 32 2.19 -4.27 -19.39
N SER A 33 3.01 -5.27 -19.71
CA SER A 33 2.54 -6.51 -20.34
C SER A 33 2.18 -7.59 -19.34
N PHE A 34 2.18 -7.25 -18.05
CA PHE A 34 1.85 -8.23 -17.02
C PHE A 34 0.54 -8.93 -17.34
N GLU A 35 0.54 -10.25 -17.21
CA GLU A 35 -0.65 -11.05 -17.45
C GLU A 35 -1.39 -11.37 -16.15
N ALA A 36 -2.51 -10.70 -15.95
CA ALA A 36 -3.40 -10.98 -14.83
C ALA A 36 -4.20 -12.26 -15.11
N ARG A 37 -4.85 -12.77 -14.07
CA ARG A 37 -5.73 -13.93 -14.17
C ARG A 37 -7.08 -13.56 -13.57
N PRO A 38 -8.18 -14.18 -14.04
CA PRO A 38 -9.52 -13.76 -13.58
C PRO A 38 -9.73 -13.81 -12.06
N ASP A 39 -9.05 -14.73 -11.37
CA ASP A 39 -9.23 -14.89 -9.93
C ASP A 39 -8.14 -14.22 -9.08
N ASP A 40 -7.28 -13.43 -9.72
CA ASP A 40 -6.33 -12.58 -9.00
C ASP A 40 -7.11 -11.61 -8.13
N ILE A 41 -6.63 -11.38 -6.90
CA ILE A 41 -7.14 -10.26 -6.11
C ILE A 41 -6.03 -9.23 -6.04
N LEU A 42 -6.33 -8.03 -6.52
CA LEU A 42 -5.35 -6.95 -6.53
C LEU A 42 -5.56 -6.08 -5.30
N ILE A 43 -4.52 -5.95 -4.48
CA ILE A 43 -4.52 -4.97 -3.39
C ILE A 43 -3.80 -3.75 -3.91
N SER A 44 -4.51 -2.63 -3.94
CA SER A 44 -4.01 -1.41 -4.56
C SER A 44 -4.04 -0.29 -3.55
N THR A 45 -2.90 0.39 -3.37
CA THR A 45 -2.83 1.46 -2.38
C THR A 45 -1.85 2.54 -2.81
N TYR A 46 -2.08 3.76 -2.36
CA TYR A 46 -0.99 4.73 -2.32
C TYR A 46 -0.07 4.27 -1.19
N PRO A 47 1.26 4.40 -1.36
CA PRO A 47 2.15 3.93 -0.30
C PRO A 47 1.76 4.42 1.11
N LYS A 48 1.92 3.52 2.09
CA LYS A 48 1.76 3.82 3.52
C LYS A 48 0.31 3.91 3.96
N SER A 49 -0.60 3.31 3.18
CA SER A 49 -2.02 3.45 3.44
C SER A 49 -2.66 2.23 4.09
N GLY A 50 -1.85 1.21 4.37
CA GLY A 50 -2.34 -0.03 4.98
C GLY A 50 -2.17 -1.25 4.09
N THR A 51 -1.25 -1.17 3.13
CA THR A 51 -1.00 -2.27 2.19
C THR A 51 -0.65 -3.57 2.91
N THR A 52 0.30 -3.51 3.83
CA THR A 52 0.79 -4.69 4.53
C THR A 52 -0.30 -5.28 5.42
N TRP A 53 -1.03 -4.38 6.09
CA TRP A 53 -2.12 -4.74 6.97
C TRP A 53 -3.17 -5.55 6.21
N VAL A 54 -3.64 -5.01 5.09
CA VAL A 54 -4.67 -5.70 4.30
C VAL A 54 -4.12 -6.94 3.60
N SER A 55 -2.85 -6.90 3.18
CA SER A 55 -2.21 -8.09 2.58
C SER A 55 -2.17 -9.27 3.56
N GLU A 56 -1.83 -9.00 4.81
CA GLU A 56 -1.82 -10.02 5.85
C GLU A 56 -3.24 -10.54 6.09
N ILE A 57 -4.21 -9.62 6.16
CA ILE A 57 -5.62 -10.01 6.33
C ILE A 57 -6.04 -10.98 5.22
N LEU A 58 -5.73 -10.62 3.98
CA LEU A 58 -6.09 -11.45 2.83
C LEU A 58 -5.43 -12.82 2.86
N ASP A 59 -4.14 -12.86 3.19
CA ASP A 59 -3.44 -14.14 3.30
C ASP A 59 -3.99 -15.00 4.45
N LEU A 60 -4.37 -14.35 5.55
CA LEU A 60 -5.02 -15.04 6.68
C LEU A 60 -6.38 -15.62 6.27
N ILE A 61 -7.17 -14.85 5.51
CA ILE A 61 -8.45 -15.33 4.97
C ILE A 61 -8.25 -16.55 4.07
N TYR A 62 -7.27 -16.45 3.17
CA TYR A 62 -6.96 -17.54 2.23
C TYR A 62 -6.46 -18.81 2.92
N ASN A 63 -5.91 -18.64 4.13
CA ASN A 63 -5.40 -19.76 4.93
C ASN A 63 -6.23 -20.08 6.16
N ASN A 64 -7.48 -19.62 6.16
CA ASN A 64 -8.45 -19.85 7.22
CA ASN A 64 -8.44 -19.87 7.24
C ASN A 64 -7.95 -19.48 8.63
N GLY A 65 -7.16 -18.41 8.70
CA GLY A 65 -6.64 -17.90 9.96
C GLY A 65 -5.45 -18.64 10.54
N ASP A 66 -4.86 -19.53 9.74
CA ASP A 66 -3.75 -20.37 10.20
C ASP A 66 -2.44 -19.57 10.26
N ALA A 67 -2.09 -19.11 11.46
CA ALA A 67 -0.90 -18.28 11.69
C ALA A 67 0.39 -18.91 11.15
N GLU A 68 0.53 -20.22 11.35
CA GLU A 68 1.77 -20.89 10.96
C GLU A 68 1.90 -20.95 9.44
N LYS A 69 0.80 -21.21 8.74
CA LYS A 69 0.80 -21.20 7.27
C LYS A 69 1.14 -19.82 6.71
N CYS A 70 0.68 -18.77 7.39
CA CYS A 70 0.98 -17.41 6.96
C CYS A 70 2.42 -16.99 7.29
N LYS A 71 3.15 -17.88 7.97
CA LYS A 71 4.58 -17.67 8.24
C LYS A 71 5.48 -18.49 7.31
N ARG A 72 4.89 -19.07 6.27
CA ARG A 72 5.64 -19.84 5.27
C ARG A 72 6.72 -19.00 4.57
N ASP A 73 6.47 -17.69 4.46
CA ASP A 73 7.46 -16.76 3.94
C ASP A 73 7.10 -15.34 4.32
N ALA A 74 7.99 -14.41 4.01
CA ALA A 74 7.77 -12.99 4.31
C ALA A 74 6.61 -12.47 3.46
N ILE A 75 5.91 -11.46 3.97
CA ILE A 75 4.73 -10.92 3.29
C ILE A 75 5.04 -10.50 1.84
N TYR A 76 6.26 -9.99 1.61
CA TYR A 76 6.63 -9.50 0.28
C TYR A 76 6.89 -10.61 -0.74
N LYS A 77 6.92 -11.86 -0.27
CA LYS A 77 6.98 -13.02 -1.15
C LYS A 77 5.60 -13.67 -1.24
N ARG A 78 4.84 -13.64 -0.15
CA ARG A 78 3.49 -14.19 -0.14
C ARG A 78 2.56 -13.35 -1.02
N VAL A 79 2.76 -12.04 -0.97
CA VAL A 79 1.93 -11.08 -1.70
C VAL A 79 2.88 -10.16 -2.48
N PRO A 80 3.30 -10.61 -3.69
CA PRO A 80 4.31 -9.89 -4.46
C PRO A 80 3.92 -8.45 -4.82
N PHE A 81 4.89 -7.55 -4.68
CA PHE A 81 4.81 -6.16 -5.09
C PHE A 81 5.08 -6.16 -6.60
N MET A 82 4.02 -6.21 -7.39
CA MET A 82 4.08 -6.47 -8.84
C MET A 82 5.14 -5.66 -9.61
N GLU A 83 5.02 -4.34 -9.56
CA GLU A 83 5.87 -3.47 -10.38
C GLU A 83 7.28 -3.29 -9.83
N LEU A 84 7.54 -3.74 -8.60
CA LEU A 84 8.87 -3.55 -8.03
C LEU A 84 9.85 -4.54 -8.64
N ILE A 85 10.73 -4.00 -9.48
CA ILE A 85 11.80 -4.77 -10.10
C ILE A 85 13.08 -4.02 -9.81
N ILE A 86 14.03 -4.70 -9.18
CA ILE A 86 15.33 -4.12 -8.85
C ILE A 86 16.37 -5.15 -9.24
N PRO A 87 17.29 -4.80 -10.17
CA PRO A 87 18.27 -5.81 -10.58
C PRO A 87 19.09 -6.32 -9.41
N GLY A 88 19.23 -7.64 -9.36
CA GLY A 88 19.96 -8.32 -8.29
C GLY A 88 19.21 -8.48 -6.99
N ILE A 89 18.02 -7.89 -6.89
CA ILE A 89 17.29 -7.88 -5.62
C ILE A 89 15.91 -8.55 -5.68
N THR A 90 15.07 -8.13 -6.65
CA THR A 90 13.69 -8.62 -6.70
C THR A 90 13.07 -8.35 -8.06
N ASN A 91 12.05 -9.14 -8.40
CA ASN A 91 11.27 -8.93 -9.63
C ASN A 91 9.84 -9.39 -9.36
N GLY A 92 8.95 -8.44 -9.08
CA GLY A 92 7.56 -8.76 -8.76
C GLY A 92 6.81 -9.48 -9.87
N VAL A 93 7.05 -9.06 -11.10
CA VAL A 93 6.38 -9.65 -12.26
C VAL A 93 6.72 -11.14 -12.37
N GLU A 94 8.00 -11.46 -12.24
CA GLU A 94 8.46 -12.84 -12.34
C GLU A 94 7.99 -13.71 -11.17
N MET A 95 8.02 -13.14 -9.96
CA MET A 95 7.49 -13.83 -8.78
C MET A 95 6.03 -14.23 -8.99
N LEU A 96 5.24 -13.28 -9.50
CA LEU A 96 3.83 -13.53 -9.77
C LEU A 96 3.62 -14.51 -10.92
N ASN A 97 4.40 -14.37 -11.98
CA ASN A 97 4.33 -15.30 -13.13
C ASN A 97 4.46 -16.76 -12.68
N ASN A 98 5.32 -17.00 -11.70
CA ASN A 98 5.60 -18.35 -11.19
C ASN A 98 4.76 -18.75 -10.00
N MET A 99 3.77 -17.93 -9.65
CA MET A 99 2.92 -18.18 -8.51
C MET A 99 1.60 -18.86 -8.90
N PRO A 100 1.22 -19.93 -8.17
CA PRO A 100 -0.06 -20.60 -8.43
C PRO A 100 -1.25 -19.75 -8.02
N SER A 101 -2.35 -19.86 -8.76
CA SER A 101 -3.62 -19.23 -8.39
C SER A 101 -4.19 -19.89 -7.13
N PRO A 102 -5.04 -19.16 -6.36
CA PRO A 102 -5.40 -17.75 -6.55
C PRO A 102 -4.31 -16.84 -6.00
N ARG A 103 -3.91 -15.86 -6.79
CA ARG A 103 -2.82 -14.97 -6.42
C ARG A 103 -3.36 -13.74 -5.72
N ILE A 104 -2.62 -13.27 -4.72
CA ILE A 104 -2.86 -11.96 -4.14
C ILE A 104 -1.73 -11.05 -4.66
N VAL A 105 -2.11 -9.94 -5.29
CA VAL A 105 -1.17 -9.09 -5.99
C VAL A 105 -1.16 -7.72 -5.31
N LYS A 106 0.02 -7.19 -5.04
CA LYS A 106 0.16 -5.83 -4.48
C LYS A 106 0.61 -4.85 -5.56
N THR A 107 0.00 -3.66 -5.56
CA THR A 107 0.49 -2.57 -6.42
C THR A 107 0.32 -1.22 -5.74
N HIS A 108 1.16 -0.25 -6.12
CA HIS A 108 0.92 1.15 -5.77
C HIS A 108 0.65 2.01 -7.01
N LEU A 109 0.44 1.37 -8.17
CA LEU A 109 0.31 2.13 -9.41
C LEU A 109 -0.95 2.98 -9.47
N PRO A 110 -0.82 4.25 -9.89
CA PRO A 110 -1.99 5.07 -10.21
C PRO A 110 -2.83 4.33 -11.25
N VAL A 111 -4.14 4.55 -11.26
CA VAL A 111 -5.05 3.80 -12.14
C VAL A 111 -4.63 3.78 -13.57
N GLN A 112 -4.16 4.93 -14.07
CA GLN A 112 -3.85 5.09 -15.47
C GLN A 112 -2.61 4.31 -15.88
N LEU A 113 -1.83 3.85 -14.90
CA LEU A 113 -0.62 3.06 -15.15
C LEU A 113 -0.78 1.57 -14.89
N LEU A 114 -1.93 1.16 -14.36
CA LEU A 114 -2.14 -0.26 -14.06
C LEU A 114 -2.09 -1.06 -15.37
N PRO A 115 -1.38 -2.20 -15.37
CA PRO A 115 -1.38 -3.07 -16.56
C PRO A 115 -2.81 -3.41 -17.01
N SER A 116 -3.06 -3.27 -18.30
CA SER A 116 -4.44 -3.35 -18.82
C SER A 116 -5.06 -4.74 -18.64
N SER A 117 -4.23 -5.76 -18.43
CA SER A 117 -4.71 -7.12 -18.22
C SER A 117 -5.66 -7.23 -17.02
N PHE A 118 -5.43 -6.42 -15.99
CA PHE A 118 -6.34 -6.41 -14.85
C PHE A 118 -7.75 -5.99 -15.24
N TRP A 119 -7.85 -4.99 -16.12
CA TRP A 119 -9.16 -4.52 -16.59
C TRP A 119 -9.79 -5.57 -17.50
N LYS A 120 -8.98 -6.10 -18.43
CA LYS A 120 -9.45 -7.11 -19.39
C LYS A 120 -9.92 -8.39 -18.70
N ASN A 121 -9.29 -8.74 -17.58
CA ASN A 121 -9.69 -9.89 -16.78
C ASN A 121 -10.77 -9.57 -15.75
N ASP A 122 -11.18 -8.30 -15.67
CA ASP A 122 -12.23 -7.84 -14.75
C ASP A 122 -11.95 -8.31 -13.30
N CYS A 123 -10.68 -8.19 -12.88
CA CYS A 123 -10.29 -8.67 -11.55
C CYS A 123 -10.98 -7.88 -10.45
N LYS A 124 -11.23 -8.55 -9.33
CA LYS A 124 -11.64 -7.85 -8.11
C LYS A 124 -10.42 -7.13 -7.54
N ILE A 125 -10.66 -5.92 -7.06
CA ILE A 125 -9.59 -5.06 -6.55
C ILE A 125 -10.00 -4.57 -5.17
N ILE A 126 -9.07 -4.61 -4.22
CA ILE A 126 -9.28 -3.97 -2.93
C ILE A 126 -8.38 -2.76 -2.86
N TYR A 127 -8.99 -1.59 -2.78
CA TYR A 127 -8.22 -0.35 -2.67
C TYR A 127 -8.27 0.12 -1.23
N VAL A 128 -7.12 0.51 -0.68
CA VAL A 128 -7.10 1.05 0.68
C VAL A 128 -6.57 2.49 0.63
N ALA A 129 -7.34 3.39 1.21
CA ALA A 129 -6.97 4.79 1.32
C ALA A 129 -6.78 5.14 2.79
N ARG A 130 -5.97 6.15 3.04
CA ARG A 130 -5.67 6.62 4.38
C ARG A 130 -5.59 8.14 4.31
N ASN A 131 -5.91 8.83 5.41
CA ASN A 131 -5.91 10.28 5.36
C ASN A 131 -4.52 10.83 5.03
N ALA A 132 -4.51 11.85 4.19
CA ALA A 132 -3.27 12.33 3.57
C ALA A 132 -2.21 12.74 4.59
N LYS A 133 -2.63 13.39 5.66
CA LYS A 133 -1.68 13.86 6.68
C LYS A 133 -0.94 12.71 7.37
N ASP A 134 -1.66 11.64 7.71
CA ASP A 134 -1.03 10.46 8.31
C ASP A 134 -0.15 9.75 7.27
N VAL A 135 -0.57 9.75 6.01
CA VAL A 135 0.22 9.13 4.93
C VAL A 135 1.59 9.82 4.80
N VAL A 136 1.59 11.15 4.71
CA VAL A 136 2.85 11.86 4.47
C VAL A 136 3.85 11.70 5.62
N VAL A 137 3.34 11.67 6.86
CA VAL A 137 4.20 11.39 8.03
C VAL A 137 4.78 9.97 7.93
N SER A 138 3.92 8.99 7.69
CA SER A 138 4.38 7.60 7.51
C SER A 138 5.40 7.47 6.38
N TYR A 139 5.16 8.18 5.28
CA TYR A 139 6.02 8.12 4.08
C TYR A 139 7.36 8.78 4.35
N TYR A 140 7.35 9.82 5.17
CA TYR A 140 8.58 10.53 5.52
C TYR A 140 9.56 9.59 6.21
N TYR A 141 9.10 8.92 7.27
CA TYR A 141 9.95 7.98 8.02
C TYR A 141 10.35 6.77 7.17
N PHE A 142 9.42 6.30 6.35
CA PHE A 142 9.70 5.23 5.38
C PHE A 142 10.79 5.60 4.36
N TYR A 143 10.72 6.80 3.79
CA TYR A 143 11.76 7.30 2.91
C TYR A 143 13.13 7.21 3.59
N GLN A 144 13.17 7.50 4.88
CA GLN A 144 14.43 7.47 5.63
C GLN A 144 14.97 6.05 5.75
N MET A 145 14.09 5.10 6.07
CA MET A 145 14.53 3.73 6.34
C MET A 145 14.68 2.86 5.08
N ALA A 146 13.81 3.10 4.09
CA ALA A 146 13.78 2.29 2.87
C ALA A 146 14.64 2.95 1.80
N LYS A 147 15.85 2.42 1.63
CA LYS A 147 16.93 3.12 0.91
C LYS A 147 16.78 3.20 -0.62
N ILE A 148 15.83 2.46 -1.18
CA ILE A 148 15.56 2.57 -2.63
C ILE A 148 15.05 3.98 -3.00
N HIS A 149 14.38 4.62 -2.04
CA HIS A 149 13.85 5.98 -2.23
C HIS A 149 14.97 7.02 -2.31
N PRO A 150 14.70 8.16 -2.96
CA PRO A 150 15.66 9.25 -2.88
C PRO A 150 15.69 9.80 -1.45
N GLU A 151 16.75 10.52 -1.09
CA GLU A 151 16.81 11.20 0.20
C GLU A 151 15.57 12.09 0.37
N PRO A 152 14.84 11.93 1.50
CA PRO A 152 13.64 12.74 1.71
C PRO A 152 13.94 14.20 2.07
N GLY A 153 15.16 14.47 2.53
CA GLY A 153 15.51 15.79 3.07
C GLY A 153 14.90 15.97 4.44
N THR A 154 14.69 17.23 4.83
CA THR A 154 14.03 17.55 6.08
C THR A 154 12.53 17.27 5.98
N TRP A 155 11.86 17.18 7.12
CA TRP A 155 10.40 17.03 7.16
C TRP A 155 9.74 18.12 6.32
N GLU A 156 10.23 19.35 6.48
CA GLU A 156 9.68 20.51 5.77
C GLU A 156 9.82 20.33 4.26
N GLU A 157 11.00 19.91 3.83
CA GLU A 157 11.27 19.67 2.41
C GLU A 157 10.42 18.52 1.86
N PHE A 158 10.31 17.46 2.65
CA PHE A 158 9.53 16.30 2.24
C PHE A 158 8.04 16.63 2.14
N LEU A 159 7.53 17.36 3.12
CA LEU A 159 6.12 17.79 3.11
C LEU A 159 5.78 18.54 1.82
N GLU A 160 6.67 19.44 1.41
CA GLU A 160 6.47 20.20 0.19
C GLU A 160 6.52 19.32 -1.05
N LYS A 161 7.45 18.37 -1.07
CA LYS A 161 7.52 17.41 -2.18
C LYS A 161 6.24 16.58 -2.27
N PHE A 162 5.74 16.11 -1.14
CA PHE A 162 4.50 15.33 -1.09
C PHE A 162 3.31 16.13 -1.63
N MET A 163 3.17 17.38 -1.19
CA MET A 163 2.09 18.23 -1.65
C MET A 163 2.17 18.45 -3.17
N ALA A 164 3.39 18.55 -3.69
CA ALA A 164 3.64 18.73 -5.12
C ALA A 164 3.57 17.44 -5.93
N GLY A 165 3.36 16.31 -5.25
CA GLY A 165 3.35 15.00 -5.90
C GLY A 165 4.70 14.54 -6.43
N GLN A 166 5.77 15.15 -5.90
CA GLN A 166 7.13 14.82 -6.34
CA GLN A 166 7.13 14.84 -6.33
C GLN A 166 7.75 13.77 -5.41
N VAL A 167 7.04 12.66 -5.30
CA VAL A 167 7.46 11.54 -4.46
C VAL A 167 7.16 10.27 -5.24
N SER A 168 7.74 9.16 -4.81
CA SER A 168 7.56 7.87 -5.46
C SER A 168 6.07 7.53 -5.58
N PHE A 169 5.65 7.21 -6.80
CA PHE A 169 4.23 6.92 -7.15
C PHE A 169 3.34 8.14 -7.33
N GLY A 170 3.93 9.34 -7.27
CA GLY A 170 3.21 10.54 -7.63
C GLY A 170 2.32 11.11 -6.54
N PRO A 171 1.38 12.00 -6.92
CA PRO A 171 0.50 12.68 -5.94
C PRO A 171 -0.53 11.77 -5.32
N TRP A 172 -0.61 11.83 -3.99
CA TRP A 172 -1.65 11.15 -3.23
C TRP A 172 -3.03 11.54 -3.72
N TYR A 173 -3.23 12.84 -3.93
CA TYR A 173 -4.55 13.41 -4.26
C TYR A 173 -5.14 12.74 -5.49
N ASP A 174 -4.37 12.73 -6.58
CA ASP A 174 -4.77 12.12 -7.83
C ASP A 174 -4.94 10.61 -7.69
N HIS A 175 -4.05 9.98 -6.92
CA HIS A 175 -4.09 8.53 -6.71
C HIS A 175 -5.43 8.10 -6.11
N VAL A 176 -5.79 8.69 -4.96
CA VAL A 176 -7.03 8.33 -4.28
C VAL A 176 -8.27 8.73 -5.07
N LYS A 177 -8.25 9.91 -5.69
CA LYS A 177 -9.43 10.41 -6.43
C LYS A 177 -9.74 9.55 -7.65
N SER A 178 -8.72 9.22 -8.43
CA SER A 178 -8.92 8.45 -9.66
C SER A 178 -9.31 7.01 -9.38
N TRP A 179 -8.70 6.40 -8.38
CA TRP A 179 -9.10 5.06 -7.95
C TRP A 179 -10.55 5.03 -7.42
N TRP A 180 -10.96 6.11 -6.76
CA TRP A 180 -12.34 6.30 -6.30
C TRP A 180 -13.32 6.32 -7.48
N GLU A 181 -13.01 7.10 -8.51
CA GLU A 181 -13.84 7.18 -9.73
C GLU A 181 -13.91 5.84 -10.43
N LYS A 182 -12.80 5.10 -10.41
CA LYS A 182 -12.73 3.80 -11.08
C LYS A 182 -13.68 2.74 -10.51
N ARG A 183 -14.14 2.94 -9.26
CA ARG A 183 -15.02 1.97 -8.62
C ARG A 183 -16.37 1.86 -9.35
N LYS A 184 -16.67 2.84 -10.21
CA LYS A 184 -17.91 2.83 -11.00
CA LYS A 184 -17.91 2.81 -10.99
C LYS A 184 -17.76 1.95 -12.25
N GLU A 185 -16.52 1.65 -12.61
CA GLU A 185 -16.24 0.85 -13.82
C GLU A 185 -15.85 -0.59 -13.52
N TYR A 186 -15.18 -0.81 -12.38
CA TYR A 186 -14.68 -2.14 -12.02
C TYR A 186 -15.03 -2.48 -10.58
N ARG A 187 -14.89 -3.76 -10.23
CA ARG A 187 -15.24 -4.24 -8.90
C ARG A 187 -14.14 -3.86 -7.92
N ILE A 188 -14.29 -2.69 -7.32
CA ILE A 188 -13.31 -2.16 -6.38
C ILE A 188 -13.94 -1.95 -5.02
N LEU A 189 -13.47 -2.72 -4.04
CA LEU A 189 -13.86 -2.49 -2.64
C LEU A 189 -12.92 -1.45 -2.10
N TYR A 190 -13.47 -0.27 -1.83
CA TYR A 190 -12.68 0.89 -1.47
C TYR A 190 -12.78 1.08 0.04
N LEU A 191 -11.67 0.78 0.72
CA LEU A 191 -11.62 0.75 2.18
C LEU A 191 -10.79 1.91 2.70
N PHE A 192 -11.00 2.25 3.97
CA PHE A 192 -10.25 3.31 4.62
C PHE A 192 -9.49 2.79 5.83
N TYR A 193 -8.22 3.16 5.92
CA TYR A 193 -7.36 2.77 7.04
C TYR A 193 -8.04 3.11 8.38
N GLU A 194 -8.63 4.30 8.45
CA GLU A 194 -9.28 4.79 9.68
C GLU A 194 -10.47 3.93 10.13
N ASP A 195 -11.21 3.39 9.17
CA ASP A 195 -12.31 2.47 9.45
C ASP A 195 -11.80 1.14 10.00
N MET A 196 -10.68 0.68 9.45
CA MET A 196 -10.05 -0.55 9.93
CA MET A 196 -10.02 -0.54 9.93
C MET A 196 -9.50 -0.37 11.36
N LYS A 197 -9.07 0.85 11.68
CA LYS A 197 -8.63 1.17 13.05
C LYS A 197 -9.79 1.14 14.04
N GLU A 198 -10.89 1.78 13.64
CA GLU A 198 -12.06 1.95 14.50
C GLU A 198 -12.83 0.64 14.72
N ASN A 199 -13.04 -0.10 13.65
CA ASN A 199 -13.82 -1.32 13.72
C ASN A 199 -13.28 -2.35 12.73
N PRO A 200 -12.15 -2.98 13.07
CA PRO A 200 -11.53 -3.95 12.17
C PRO A 200 -12.45 -5.10 11.80
N LYS A 201 -13.29 -5.53 12.75
CA LYS A 201 -14.22 -6.63 12.49
C LYS A 201 -15.16 -6.30 11.33
N CYS A 202 -15.74 -5.10 11.38
CA CYS A 202 -16.67 -4.62 10.35
C CYS A 202 -16.01 -4.62 8.97
N GLU A 203 -14.77 -4.12 8.92
CA GLU A 203 -14.04 -4.02 7.66
C GLU A 203 -13.64 -5.38 7.09
N ILE A 204 -13.19 -6.28 7.96
CA ILE A 204 -12.87 -7.64 7.50
C ILE A 204 -14.14 -8.36 6.99
N GLN A 205 -15.27 -8.08 7.63
CA GLN A 205 -16.55 -8.62 7.14
C GLN A 205 -16.90 -8.07 5.75
N LYS A 206 -16.58 -6.79 5.51
CA LYS A 206 -16.74 -6.20 4.17
C LYS A 206 -15.88 -6.94 3.13
N ILE A 207 -14.63 -7.22 3.51
CA ILE A 207 -13.71 -7.96 2.62
C ILE A 207 -14.28 -9.35 2.31
N LEU A 208 -14.72 -10.06 3.36
CA LEU A 208 -15.28 -11.41 3.19
C LEU A 208 -16.49 -11.42 2.24
N LYS A 209 -17.39 -10.46 2.41
CA LYS A 209 -18.58 -10.34 1.55
C LYS A 209 -18.17 -10.08 0.10
N PHE A 210 -17.19 -9.20 -0.07
CA PHE A 210 -16.66 -8.85 -1.39
C PHE A 210 -16.04 -10.07 -2.06
N LEU A 211 -15.35 -10.90 -1.27
CA LEU A 211 -14.71 -12.10 -1.77
C LEU A 211 -15.70 -13.26 -1.93
N GLU A 212 -16.96 -13.02 -1.55
CA GLU A 212 -18.01 -14.05 -1.60
C GLU A 212 -17.66 -15.24 -0.73
N LYS A 213 -17.17 -14.94 0.47
CA LYS A 213 -16.78 -15.95 1.45
C LYS A 213 -17.57 -15.75 2.74
N ASP A 214 -18.07 -16.85 3.29
CA ASP A 214 -18.75 -16.87 4.58
C ASP A 214 -17.94 -17.82 5.45
N ILE A 215 -17.41 -17.30 6.56
CA ILE A 215 -16.56 -18.08 7.47
C ILE A 215 -17.12 -18.05 8.89
N PRO A 216 -16.78 -19.06 9.71
CA PRO A 216 -17.24 -19.06 11.10
C PRO A 216 -16.69 -17.88 11.92
N GLU A 217 -17.50 -17.40 12.85
CA GLU A 217 -17.10 -16.33 13.77
C GLU A 217 -15.74 -16.61 14.42
N GLU A 218 -15.48 -17.87 14.76
CA GLU A 218 -14.20 -18.23 15.40
C GLU A 218 -13.00 -17.97 14.51
N ILE A 219 -13.14 -18.25 13.22
CA ILE A 219 -12.08 -17.99 12.24
C ILE A 219 -11.92 -16.47 12.02
N LEU A 220 -13.05 -15.77 11.88
CA LEU A 220 -13.04 -14.32 11.81
C LEU A 220 -12.25 -13.72 12.98
N ASN A 221 -12.49 -14.23 14.19
CA ASN A 221 -11.77 -13.77 15.37
C ASN A 221 -10.28 -14.10 15.35
N LYS A 222 -9.93 -15.25 14.79
CA LYS A 222 -8.52 -15.62 14.57
C LYS A 222 -7.82 -14.63 13.65
N ILE A 223 -8.52 -14.28 12.56
CA ILE A 223 -7.97 -13.35 11.57
C ILE A 223 -7.80 -11.97 12.18
N LEU A 224 -8.79 -11.52 12.96
CA LEU A 224 -8.72 -10.25 13.68
C LEU A 224 -7.54 -10.20 14.64
N TYR A 225 -7.34 -11.27 15.42
CA TYR A 225 -6.25 -11.30 16.37
C TYR A 225 -4.88 -11.18 15.69
N HIS A 226 -4.66 -11.96 14.64
CA HIS A 226 -3.35 -12.04 14.00
C HIS A 226 -3.03 -10.86 13.09
N SER A 227 -4.04 -10.07 12.76
CA SER A 227 -3.84 -8.88 11.92
C SER A 227 -3.77 -7.58 12.74
N SER A 228 -3.80 -7.70 14.07
CA SER A 228 -3.66 -6.53 14.93
C SER A 228 -2.23 -5.99 14.86
N PHE A 229 -2.07 -4.70 15.13
CA PHE A 229 -0.75 -4.08 15.08
C PHE A 229 0.23 -4.73 16.06
N SER A 230 -0.21 -5.00 17.28
CA SER A 230 0.67 -5.56 18.29
C SER A 230 1.20 -6.94 17.91
N VAL A 231 0.39 -7.73 17.20
CA VAL A 231 0.85 -9.04 16.70
C VAL A 231 1.74 -8.90 15.46
N MET A 232 1.30 -8.11 14.48
CA MET A 232 2.06 -7.96 13.23
C MET A 232 3.42 -7.28 13.44
N LYS A 233 3.49 -6.34 14.38
CA LYS A 233 4.73 -5.60 14.60
C LYS A 233 5.86 -6.53 15.07
N GLU A 234 5.50 -7.62 15.74
CA GLU A 234 6.48 -8.57 16.28
C GLU A 234 6.65 -9.81 15.42
N ASN A 235 5.88 -9.87 14.35
CA ASN A 235 5.87 -11.02 13.45
C ASN A 235 6.89 -10.82 12.34
N PRO A 236 7.99 -11.59 12.37
CA PRO A 236 9.06 -11.41 11.36
C PRO A 236 8.62 -11.70 9.93
N SER A 237 7.52 -12.43 9.76
CA SER A 237 6.97 -12.71 8.43
C SER A 237 6.16 -11.55 7.87
N ALA A 238 5.83 -10.57 8.72
CA ALA A 238 4.99 -9.44 8.31
C ALA A 238 5.60 -8.06 8.53
N ASN A 239 6.66 -7.99 9.34
CA ASN A 239 7.17 -6.69 9.79
C ASN A 239 8.41 -6.17 9.04
N TYR A 240 8.77 -6.87 7.95
CA TYR A 240 9.87 -6.49 7.04
C TYR A 240 11.28 -6.57 7.63
N THR A 241 11.42 -7.13 8.84
CA THR A 241 12.74 -7.26 9.46
C THR A 241 13.62 -8.33 8.79
N THR A 242 13.04 -9.10 7.87
CA THR A 242 13.81 -10.06 7.06
C THR A 242 14.51 -9.40 5.87
N MET A 243 14.20 -8.12 5.63
CA MET A 243 14.92 -7.32 4.64
C MET A 243 16.36 -7.12 5.06
N MET A 244 17.27 -7.09 4.08
CA MET A 244 18.64 -6.69 4.35
C MET A 244 18.66 -5.24 4.78
N LYS A 245 19.55 -4.92 5.71
CA LYS A 245 19.71 -3.56 6.24
C LYS A 245 19.98 -2.53 5.13
N GLU A 246 20.62 -2.98 4.06
CA GLU A 246 20.94 -2.13 2.90
C GLU A 246 19.67 -1.65 2.19
N GLU A 247 18.64 -2.49 2.22
CA GLU A 247 17.34 -2.20 1.60
C GLU A 247 16.42 -1.46 2.56
N MET A 248 16.32 -1.96 3.78
CA MET A 248 15.52 -1.35 4.84
C MET A 248 16.22 -1.38 6.19
N ASP A 249 16.54 -0.20 6.71
CA ASP A 249 17.20 -0.09 8.01
C ASP A 249 16.18 0.23 9.11
N HIS A 250 15.78 -0.82 9.81
CA HIS A 250 14.79 -0.67 10.88
CA HIS A 250 14.83 -0.80 10.94
C HIS A 250 15.29 0.15 12.06
N SER A 251 16.60 0.28 12.21
CA SER A 251 17.17 1.13 13.27
C SER A 251 16.97 2.63 12.99
N VAL A 252 16.77 2.98 11.72
CA VAL A 252 16.40 4.35 11.33
C VAL A 252 14.93 4.62 11.71
N SER A 253 14.05 3.76 11.19
CA SER A 253 12.62 3.79 11.54
C SER A 253 12.07 2.40 11.25
N PRO A 254 11.34 1.81 12.22
CA PRO A 254 10.79 0.47 11.92
C PRO A 254 9.65 0.58 10.91
N PHE A 255 9.47 -0.46 10.08
CA PHE A 255 8.34 -0.49 9.15
C PHE A 255 7.01 -0.38 9.92
N MET A 256 6.88 -1.20 10.95
CA MET A 256 5.74 -1.16 11.84
C MET A 256 6.01 -0.08 12.89
N ARG A 257 5.70 1.15 12.52
CA ARG A 257 6.20 2.34 13.23
C ARG A 257 5.34 2.65 14.46
N LYS A 258 4.10 3.09 14.22
CA LYS A 258 3.17 3.41 15.31
C LYS A 258 1.82 2.72 15.14
N GLY A 259 1.34 2.63 13.89
CA GLY A 259 0.09 1.94 13.58
C GLY A 259 -1.16 2.57 14.15
N ILE A 260 -1.16 3.89 14.27
CA ILE A 260 -2.31 4.65 14.75
C ILE A 260 -2.87 5.58 13.67
N SER A 261 -4.01 6.20 13.97
CA SER A 261 -4.51 7.31 13.18
C SER A 261 -4.30 8.57 14.01
N GLY A 262 -3.87 9.64 13.36
CA GLY A 262 -3.67 10.91 14.05
C GLY A 262 -2.25 11.22 14.47
N ASP A 263 -1.28 10.41 14.02
CA ASP A 263 0.12 10.74 14.28
C ASP A 263 0.54 12.04 13.61
N TRP A 264 -0.23 12.50 12.61
CA TRP A 264 0.07 13.76 11.94
C TRP A 264 0.20 14.92 12.94
N LYS A 265 -0.55 14.84 14.04
CA LYS A 265 -0.53 15.89 15.07
C LYS A 265 0.85 16.02 15.70
N ASN A 266 1.57 14.90 15.79
CA ASN A 266 2.92 14.88 16.34
C ASN A 266 3.99 15.45 15.40
N GLN A 267 3.67 15.51 14.11
CA GLN A 267 4.65 15.89 13.08
C GLN A 267 4.42 17.30 12.51
N PHE A 268 3.16 17.62 12.22
CA PHE A 268 2.81 18.89 11.60
C PHE A 268 2.90 20.03 12.60
N THR A 269 3.55 21.13 12.22
CA THR A 269 3.36 22.39 12.95
C THR A 269 1.96 22.90 12.62
N VAL A 270 1.43 23.77 13.48
CA VAL A 270 0.10 24.34 13.27
C VAL A 270 0.07 25.09 11.92
N ALA A 271 1.13 25.82 11.62
CA ALA A 271 1.26 26.53 10.35
C ALA A 271 1.28 25.56 9.15
N GLN A 272 2.06 24.49 9.27
CA GLN A 272 2.10 23.45 8.21
C GLN A 272 0.72 22.83 8.00
N TYR A 273 0.02 22.58 9.10
CA TYR A 273 -1.33 22.03 9.07
C TYR A 273 -2.30 22.96 8.34
N GLU A 274 -2.28 24.25 8.70
CA GLU A 274 -3.19 25.22 8.08
C GLU A 274 -2.94 25.33 6.57
N LYS A 275 -1.66 25.41 6.19
CA LYS A 275 -1.25 25.47 4.78
C LYS A 275 -1.67 24.21 4.03
N PHE A 276 -1.44 23.05 4.64
CA PHE A 276 -1.80 21.76 4.05
C PHE A 276 -3.31 21.67 3.79
N GLU A 277 -4.10 22.11 4.76
CA GLU A 277 -5.55 22.03 4.67
C GLU A 277 -6.11 22.92 3.57
N GLU A 278 -5.57 24.13 3.45
CA GLU A 278 -5.99 25.07 2.42
C GLU A 278 -5.73 24.48 1.03
N ASP A 279 -4.54 23.89 0.86
CA ASP A 279 -4.15 23.22 -0.38
C ASP A 279 -5.03 22.00 -0.66
N TYR A 280 -5.31 21.24 0.41
CA TYR A 280 -6.09 20.01 0.33
C TYR A 280 -7.52 20.27 -0.16
N VAL A 281 -8.18 21.28 0.42
CA VAL A 281 -9.55 21.60 0.05
C VAL A 281 -9.65 21.92 -1.43
N LYS A 282 -8.69 22.67 -1.95
CA LYS A 282 -8.63 23.02 -3.37
C LYS A 282 -8.49 21.78 -4.26
N LYS A 283 -7.63 20.86 -3.85
CA LYS A 283 -7.37 19.65 -4.63
C LYS A 283 -8.48 18.61 -4.54
N MET A 284 -9.29 18.65 -3.49
CA MET A 284 -10.24 17.58 -3.19
C MET A 284 -11.72 17.95 -3.24
N GLU A 285 -12.04 19.24 -3.34
CA GLU A 285 -13.44 19.67 -3.21
C GLU A 285 -14.37 19.19 -4.31
N ASP A 286 -13.83 18.92 -5.49
CA ASP A 286 -14.60 18.36 -6.60
C ASP A 286 -14.46 16.83 -6.69
N SER A 287 -14.46 16.18 -5.53
CA SER A 287 -14.53 14.72 -5.41
C SER A 287 -15.45 14.41 -4.24
N THR A 288 -16.25 13.35 -4.37
CA THR A 288 -17.18 12.97 -3.29
C THR A 288 -16.49 12.18 -2.18
N LEU A 289 -15.22 11.87 -2.41
CA LEU A 289 -14.38 11.16 -1.44
C LEU A 289 -14.27 11.92 -0.11
N LYS A 290 -14.55 11.22 0.99
CA LYS A 290 -14.50 11.81 2.34
C LYS A 290 -13.58 11.03 3.29
N PHE A 291 -12.73 11.75 4.02
CA PHE A 291 -11.78 11.15 4.97
C PHE A 291 -11.96 11.65 6.40
N ARG A 292 -11.47 10.85 7.35
CA ARG A 292 -11.34 11.26 8.74
C ARG A 292 -9.84 11.29 9.10
N SER A 293 -9.43 12.26 9.90
CA SER A 293 -8.01 12.43 10.23
C SER A 293 -7.62 11.97 11.66
N GLU A 294 -8.63 11.71 12.49
CA GLU A 294 -8.41 11.24 13.86
C GLU A 294 -9.06 9.88 14.10
P1 A3P B . 2.76 4.28 10.40
O1P A3P B . 1.81 5.45 10.51
O2P A3P B . 4.06 4.55 9.70
O3P A3P B . 2.92 3.52 11.69
P2 A3P B . 2.00 0.21 4.04
O4P A3P B . 3.40 0.66 3.70
O5P A3P B . 0.95 0.64 3.04
O6P A3P B . 1.88 -1.22 4.46
O5' A3P B . 1.57 1.03 5.36
C5' A3P B . 2.42 1.07 6.50
C4' A3P B . 1.65 1.77 7.61
O4' A3P B . 0.61 0.90 8.09
C3' A3P B . 2.53 2.10 8.82
O3' A3P B . 1.94 3.24 9.45
C2' A3P B . 2.34 0.85 9.66
O2' A3P B . 2.73 1.00 11.03
C1' A3P B . 0.85 0.63 9.48
N9 A3P B . 0.43 -0.74 9.83
C8 A3P B . 0.98 -1.90 9.41
N7 A3P B . 0.32 -2.97 9.94
C5 A3P B . -0.67 -2.47 10.70
C6 A3P B . -1.75 -3.02 11.55
N6 A3P B . -1.88 -4.36 11.68
N1 A3P B . -2.59 -2.16 12.19
C2 A3P B . -2.46 -0.82 12.07
N3 A3P B . -1.50 -0.24 11.32
C4 A3P B . -0.60 -1.01 10.62
C1 NPO C . 9.33 -0.12 -0.89
C2 NPO C . 8.82 -1.27 -0.27
C3 NPO C . 7.44 -1.43 -0.12
C4 NPO C . 6.58 -0.44 -0.59
C5 NPO C . 7.07 0.71 -1.20
C6 NPO C . 8.45 0.87 -1.36
OH NPO C . 5.25 -0.54 -0.34
N1 NPO C . 10.71 0.04 -1.02
O2 NPO C . 11.16 1.02 -1.63
O3 NPO C . 11.48 -0.77 -0.53
C1 NPO D . 12.29 -4.79 -1.47
C2 NPO D . 12.08 -6.05 -2.05
C3 NPO D . 10.80 -6.55 -2.15
C4 NPO D . 9.71 -5.81 -1.68
C5 NPO D . 9.91 -4.55 -1.10
C6 NPO D . 11.20 -4.04 -1.00
OH NPO D . 8.45 -6.18 -2.02
N1 NPO D . 13.60 -4.27 -1.35
O2 NPO D . 13.79 -3.14 -0.94
O3 NPO D . 14.56 -4.97 -1.66
C1 GOL E . -14.17 6.64 7.00
O1 GOL E . -13.04 7.36 7.43
C2 GOL E . -14.92 7.32 5.85
O2 GOL E . -14.00 8.06 5.09
C3 GOL E . -15.56 6.28 4.95
O3 GOL E . -16.13 5.22 5.68
C1 GOL F . 2.17 -17.83 -2.20
O1 GOL F . 1.54 -16.72 -1.60
C2 GOL F . 3.15 -18.48 -1.23
O2 GOL F . 2.80 -19.84 -1.05
C3 GOL F . 4.58 -18.38 -1.75
O3 GOL F . 5.42 -17.97 -0.70
C1 GOL G . -10.98 -3.20 -21.31
O1 GOL G . -11.54 -3.83 -20.17
C2 GOL G . -9.99 -2.10 -20.90
O2 GOL G . -10.52 -0.82 -21.20
C3 GOL G . -8.67 -2.29 -21.65
O3 GOL G . -7.73 -1.34 -21.22
#